data_7HJC
#
_entry.id   7HJC
#
_cell.length_a   26.212
_cell.length_b   46.969
_cell.length_c   46.625
_cell.angle_alpha   90.000
_cell.angle_beta   103.650
_cell.angle_gamma   90.000
#
_symmetry.space_group_name_H-M   'P 1 21 1'
#
loop_
_entity.id
_entity.type
_entity.pdbx_description
1 polymer 'De novo designed ABLE protein'
2 non-polymer '3-(5-chloranyl-1,3-benzothiazol-2-yl)propanoic acid'
3 water water
#
_entity_poly.entity_id   1
_entity_poly.type   'polypeptide(L)'
_entity_poly.pdbx_seq_one_letter_code
;SVKSEYAEAAAVGQEAVAVFNTMKAAFQNGDKEAVAQYLARLASLYTRHEELLNRILEKARREGNKEAVTLMNEFTATFQ
TGKSIFNAMVAAFKNGDDDSFESYLQALEKVTAKGETLADQIAKAL
;
_entity_poly.pdbx_strand_id   A
#
loop_
_chem_comp.id
_chem_comp.type
_chem_comp.name
_chem_comp.formula
6U6 non-polymer '3-(5-chloranyl-1,3-benzothiazol-2-yl)propanoic acid' 'C10 H8 Cl N O2 S'
#
# COMPACT_ATOMS: atom_id res chain seq x y z
N SER A 1 -7.63 -1.36 -19.87
N SER A 1 -7.53 -1.49 -19.72
CA SER A 1 -6.70 -0.21 -19.92
CA SER A 1 -6.59 -0.36 -19.88
C SER A 1 -5.83 -0.15 -18.68
C SER A 1 -5.72 -0.20 -18.64
N VAL A 2 -4.74 0.61 -18.78
N VAL A 2 -4.70 0.65 -18.76
CA VAL A 2 -3.91 0.84 -17.61
CA VAL A 2 -3.86 0.93 -17.60
C VAL A 2 -4.71 1.57 -16.55
C VAL A 2 -4.67 1.65 -16.54
N LYS A 3 -5.67 2.39 -16.96
N LYS A 3 -5.69 2.40 -16.94
CA LYS A 3 -6.50 3.09 -15.99
CA LYS A 3 -6.51 3.10 -15.95
C LYS A 3 -7.36 2.12 -15.21
C LYS A 3 -7.39 2.13 -15.18
N SER A 4 -8.00 1.15 -15.88
N SER A 4 -8.00 1.15 -15.86
CA SER A 4 -8.79 0.18 -15.13
CA SER A 4 -8.80 0.17 -15.13
C SER A 4 -7.90 -0.71 -14.26
C SER A 4 -7.91 -0.73 -14.28
N GLU A 5 -6.69 -1.01 -14.73
CA GLU A 5 -5.77 -1.75 -13.91
C GLU A 5 -5.40 -0.95 -12.65
N TYR A 6 -5.28 0.37 -12.77
N TYR A 6 -5.24 0.36 -12.77
CA TYR A 6 -4.99 1.19 -11.59
CA TYR A 6 -4.88 1.14 -11.58
C TYR A 6 -6.19 1.23 -10.65
C TYR A 6 -6.05 1.24 -10.61
N ALA A 7 -7.40 1.31 -11.19
N ALA A 7 -7.29 1.24 -11.11
CA ALA A 7 -8.56 1.21 -10.31
CA ALA A 7 -8.44 1.29 -10.22
C ALA A 7 -8.61 -0.15 -9.62
C ALA A 7 -8.51 0.05 -9.32
N GLU A 8 -8.19 -1.20 -10.34
N GLU A 8 -8.21 -1.12 -9.88
CA GLU A 8 -8.16 -2.53 -9.75
CA GLU A 8 -8.10 -2.32 -9.04
C GLU A 8 -7.06 -2.64 -8.68
C GLU A 8 -7.03 -2.15 -7.98
N ALA A 9 -5.93 -1.97 -8.90
N ALA A 9 -5.92 -1.49 -8.33
CA ALA A 9 -4.87 -1.94 -7.91
CA ALA A 9 -4.87 -1.24 -7.35
C ALA A 9 -5.26 -1.08 -6.72
C ALA A 9 -5.38 -0.30 -6.26
N ALA A 10 -5.94 0.05 -6.98
N ALA A 10 -6.13 0.74 -6.63
CA ALA A 10 -6.40 0.89 -5.89
CA ALA A 10 -6.67 1.65 -5.62
C ALA A 10 -7.38 0.17 -4.98
C ALA A 10 -7.62 0.90 -4.67
N ALA A 11 -8.28 -0.64 -5.57
N ALA A 11 -8.36 -0.07 -5.20
CA ALA A 11 -9.21 -1.38 -4.72
CA ALA A 11 -9.27 -0.84 -4.34
C ALA A 11 -8.46 -2.33 -3.79
C ALA A 11 -8.51 -1.75 -3.38
N VAL A 12 -7.40 -2.97 -4.28
N VAL A 12 -7.44 -2.39 -3.86
CA VAL A 12 -6.63 -3.84 -3.43
CA VAL A 12 -6.59 -3.19 -2.97
C VAL A 12 -5.96 -3.05 -2.31
C VAL A 12 -6.01 -2.29 -1.87
N GLY A 13 -5.40 -1.88 -2.63
N GLY A 13 -5.62 -1.07 -2.22
CA GLY A 13 -4.89 -1.00 -1.60
CA GLY A 13 -5.18 -0.14 -1.20
C GLY A 13 -5.93 -0.69 -0.52
C GLY A 13 -6.26 0.14 -0.17
N GLN A 14 -7.17 -0.43 -0.93
N GLN A 14 -7.51 0.31 -0.62
CA GLN A 14 -8.21 -0.10 0.03
CA GLN A 14 -8.56 0.60 0.34
C GLN A 14 -8.61 -1.31 0.87
C GLN A 14 -8.88 -0.62 1.20
N GLU A 15 -8.48 -2.51 0.31
N GLU A 15 -8.81 -1.83 0.62
CA GLU A 15 -8.68 -3.71 1.11
CA GLU A 15 -9.01 -3.03 1.43
C GLU A 15 -7.65 -3.81 2.23
C GLU A 15 -7.95 -3.13 2.51
N ALA A 16 -6.41 -3.45 1.92
N ALA A 16 -6.70 -2.80 2.18
CA ALA A 16 -5.39 -3.45 2.95
CA ALA A 16 -5.64 -2.83 3.18
C ALA A 16 -5.66 -2.37 3.99
C ALA A 16 -5.91 -1.87 4.32
N VAL A 17 -6.16 -1.20 3.56
N VAL A 17 -6.44 -0.68 4.02
CA VAL A 17 -6.57 -0.19 4.53
CA VAL A 17 -6.76 0.26 5.10
C VAL A 17 -7.58 -0.78 5.50
C VAL A 17 -7.89 -0.30 5.96
N ALA A 18 -8.58 -1.50 4.97
N ALA A 18 -8.89 -0.89 5.34
CA ALA A 18 -9.63 -2.04 5.83
CA ALA A 18 -9.99 -1.47 6.09
C ALA A 18 -9.05 -3.04 6.83
C ALA A 18 -9.50 -2.60 6.98
N VAL A 19 -8.29 -4.02 6.33
N VAL A 19 -8.68 -3.49 6.43
CA VAL A 19 -7.74 -5.04 7.22
CA VAL A 19 -8.10 -4.55 7.25
C VAL A 19 -6.76 -4.43 8.23
C VAL A 19 -7.16 -3.97 8.29
N PHE A 20 -6.07 -3.35 7.86
N PHE A 20 -6.30 -3.03 7.88
CA PHE A 20 -5.19 -2.66 8.80
CA PHE A 20 -5.35 -2.43 8.81
C PHE A 20 -5.99 -2.06 9.95
C PHE A 20 -6.07 -1.87 10.03
N ASN A 21 -7.04 -1.32 9.64
N ASN A 21 -7.27 -1.32 9.85
CA ASN A 21 -7.79 -0.67 10.72
CA ASN A 21 -7.98 -0.77 10.99
C ASN A 21 -8.45 -1.70 11.64
C ASN A 21 -8.55 -1.87 11.88
N THR A 22 -8.86 -2.83 11.10
N THR A 22 -9.14 -2.92 11.31
CA THR A 22 -9.35 -3.92 11.95
CA THR A 22 -9.65 -4.01 12.14
C THR A 22 -8.22 -4.48 12.80
C THR A 22 -8.50 -4.70 12.90
N MET A 23 -7.04 -4.67 12.18
N MET A 23 -7.29 -4.64 12.34
CA MET A 23 -5.87 -5.16 12.89
CA MET A 23 -6.14 -5.19 13.06
C MET A 23 -5.50 -4.25 14.06
C MET A 23 -5.69 -4.24 14.17
N LYS A 24 -5.63 -2.93 13.88
CA LYS A 24 -5.30 -1.96 14.92
C LYS A 24 -6.22 -2.12 16.11
N ALA A 25 -7.53 -2.28 15.85
CA ALA A 25 -8.46 -2.52 16.97
C ALA A 25 -8.13 -3.80 17.70
N ALA A 26 -7.81 -4.86 16.98
CA ALA A 26 -7.45 -6.13 17.60
C ALA A 26 -6.20 -5.99 18.46
N PHE A 27 -5.16 -5.30 17.95
CA PHE A 27 -3.95 -5.05 18.71
C PHE A 27 -4.28 -4.31 20.00
N GLN A 28 -5.06 -3.25 19.90
CA GLN A 28 -5.39 -2.49 21.10
C GLN A 28 -6.12 -3.38 22.09
N ASN A 29 -7.00 -4.26 21.61
CA ASN A 29 -7.74 -5.16 22.50
C ASN A 29 -6.94 -6.36 22.99
N GLY A 30 -5.72 -6.55 22.53
CA GLY A 30 -4.91 -7.67 22.95
C GLY A 30 -5.27 -9.02 22.37
N ASP A 31 -6.02 -9.04 21.25
CA ASP A 31 -6.42 -10.27 20.55
C ASP A 31 -5.31 -10.63 19.58
N LYS A 32 -4.23 -11.21 20.12
N LYS A 32 -4.25 -11.25 20.11
CA LYS A 32 -3.03 -11.44 19.33
CA LYS A 32 -3.07 -11.54 19.32
C LYS A 32 -3.26 -12.49 18.25
C LYS A 32 -3.32 -12.59 18.26
N GLU A 33 -4.18 -13.42 18.48
N GLU A 33 -4.24 -13.52 18.50
CA GLU A 33 -4.47 -14.42 17.46
CA GLU A 33 -4.58 -14.50 17.46
C GLU A 33 -5.09 -13.77 16.22
C GLU A 33 -5.12 -13.80 16.23
N ALA A 34 -5.97 -12.80 16.42
CA ALA A 34 -6.53 -12.06 15.31
C ALA A 34 -5.46 -11.24 14.62
N VAL A 35 -4.62 -10.56 15.40
CA VAL A 35 -3.54 -9.75 14.82
C VAL A 35 -2.66 -10.59 13.92
N ALA A 36 -2.26 -11.78 14.37
CA ALA A 36 -1.42 -12.64 13.53
C ALA A 36 -2.08 -12.89 12.19
N GLN A 37 -3.35 -13.23 12.21
CA GLN A 37 -4.06 -13.51 10.96
C GLN A 37 -4.16 -12.26 10.08
N TYR A 38 -4.52 -11.12 10.65
CA TYR A 38 -4.60 -9.88 9.87
C TYR A 38 -3.25 -9.53 9.26
N LEU A 39 -2.15 -9.70 10.02
CA LEU A 39 -0.82 -9.42 9.47
C LEU A 39 -0.50 -10.32 8.27
N ALA A 40 -0.85 -11.60 8.35
CA ALA A 40 -0.70 -12.48 7.19
C ALA A 40 -1.52 -11.97 6.00
N ARG A 41 -2.78 -11.58 6.27
N ARG A 41 -2.75 -11.49 6.27
CA ARG A 41 -3.63 -11.09 5.18
CA ARG A 41 -3.60 -11.00 5.19
C ARG A 41 -3.03 -9.85 4.54
C ARG A 41 -3.11 -9.68 4.62
N LEU A 42 -2.56 -8.90 5.37
N LEU A 42 -2.46 -8.86 5.44
CA LEU A 42 -1.91 -7.70 4.86
CA LEU A 42 -1.94 -7.58 4.97
C LEU A 42 -0.70 -8.06 4.03
C LEU A 42 -0.65 -7.77 4.18
N ALA A 43 0.12 -9.02 4.48
N ALA A 43 0.18 -8.76 4.54
CA ALA A 43 1.30 -9.39 3.69
CA ALA A 43 1.35 -9.06 3.71
C ALA A 43 0.89 -9.79 2.28
C ALA A 43 0.91 -9.50 2.32
N SER A 44 -0.17 -10.61 2.19
N SER A 44 -0.20 -10.25 2.25
CA SER A 44 -0.64 -11.07 0.88
CA SER A 44 -0.68 -10.75 0.96
C SER A 44 -1.20 -9.90 0.08
C SER A 44 -1.16 -9.61 0.07
N LEU A 45 -1.93 -9.00 0.74
N LEU A 45 -1.89 -8.65 0.64
CA LEU A 45 -2.50 -7.86 0.04
CA LEU A 45 -2.37 -7.51 -0.13
C LEU A 45 -1.42 -6.91 -0.45
C LEU A 45 -1.22 -6.67 -0.67
N TYR A 46 -0.46 -6.55 0.41
N TYR A 46 -0.14 -6.51 0.11
CA TYR A 46 0.63 -5.67 -0.02
CA TYR A 46 1.06 -5.86 -0.40
C TYR A 46 1.44 -6.30 -1.13
C TYR A 46 1.55 -6.54 -1.67
N THR A 47 1.66 -7.62 -1.06
N THR A 47 1.75 -7.86 -1.61
CA THR A 47 2.45 -8.28 -2.11
CA THR A 47 2.26 -8.59 -2.76
C THR A 47 1.74 -8.19 -3.45
C THR A 47 1.37 -8.33 -3.98
N ARG A 48 0.41 -8.30 -3.46
N ARG A 48 0.06 -8.56 -3.85
CA ARG A 48 -0.36 -8.19 -4.70
CA ARG A 48 -0.85 -8.29 -4.96
C ARG A 48 -0.36 -6.75 -5.20
C ARG A 48 -0.75 -6.83 -5.40
N HIS A 49 -0.59 -5.79 -4.31
N HIS A 49 -0.62 -5.91 -4.45
CA HIS A 49 -0.64 -4.38 -4.72
CA HIS A 49 -0.54 -4.50 -4.82
C HIS A 49 0.68 -3.97 -5.37
C HIS A 49 0.80 -4.21 -5.51
N GLU A 50 1.79 -4.33 -4.73
N GLU A 50 1.88 -4.81 -5.02
CA GLU A 50 3.12 -4.00 -5.28
CA GLU A 50 3.18 -4.63 -5.66
C GLU A 50 3.29 -4.52 -6.70
C GLU A 50 3.15 -5.16 -7.09
N GLU A 51 2.88 -5.77 -6.94
N GLU A 51 2.47 -6.29 -7.29
CA GLU A 51 3.05 -6.36 -8.27
CA GLU A 51 2.38 -6.87 -8.62
C GLU A 51 2.18 -5.65 -9.31
C GLU A 51 1.56 -5.99 -9.56
N LEU A 52 0.92 -5.37 -8.96
N LEU A 52 0.51 -5.34 -9.05
CA LEU A 52 0.05 -4.59 -9.82
CA LEU A 52 -0.29 -4.50 -9.94
C LEU A 52 0.66 -3.24 -10.16
C LEU A 52 0.35 -3.15 -10.19
N LEU A 53 1.05 -2.47 -9.14
N LEU A 53 1.12 -2.64 -9.23
CA LEU A 53 1.70 -1.19 -9.36
CA LEU A 53 1.82 -1.37 -9.44
C LEU A 53 2.88 -1.31 -10.33
C LEU A 53 2.94 -1.51 -10.47
N ASN A 54 3.72 -2.34 -10.15
N ASN A 54 3.63 -2.65 -10.48
CA ASN A 54 4.90 -2.46 -11.00
CA ASN A 54 4.73 -2.83 -11.42
C ASN A 54 4.49 -2.68 -12.46
C ASN A 54 4.21 -3.01 -12.85
N ARG A 55 3.44 -3.47 -12.67
N ARG A 55 3.24 -3.90 -13.03
CA ARG A 55 2.91 -3.65 -14.02
CA ARG A 55 2.62 -4.07 -14.35
C ARG A 55 2.39 -2.33 -14.62
C ARG A 55 2.06 -2.75 -14.86
N ILE A 56 1.70 -1.52 -13.81
N ILE A 56 1.57 -1.90 -13.97
CA ILE A 56 1.20 -0.23 -14.26
CA ILE A 56 1.03 -0.63 -14.40
C ILE A 56 2.36 0.67 -14.67
C ILE A 56 2.15 0.34 -14.74
N LEU A 57 3.42 0.70 -13.87
N LEU A 57 3.22 0.37 -13.94
CA LEU A 57 4.59 1.54 -14.19
CA LEU A 57 4.35 1.26 -14.23
C LEU A 57 5.28 1.06 -15.45
C LEU A 57 5.02 0.85 -15.53
N GLU A 58 5.44 -0.25 -15.62
N GLU A 58 5.36 -0.44 -15.67
CA GLU A 58 6.03 -0.77 -16.86
CA GLU A 58 6.03 -0.91 -16.88
C GLU A 58 5.17 -0.40 -18.07
C GLU A 58 5.17 -0.65 -18.12
N LYS A 59 3.84 -0.55 -17.96
CA LYS A 59 2.97 -0.23 -19.08
C LYS A 59 3.01 1.26 -19.44
N ALA A 60 2.93 2.13 -18.42
CA ALA A 60 3.10 3.55 -18.66
C ALA A 60 4.42 3.85 -19.35
N ARG A 61 5.48 3.14 -18.98
CA ARG A 61 6.79 3.31 -19.63
C ARG A 61 6.73 2.92 -21.10
N ARG A 62 6.13 1.77 -21.39
CA ARG A 62 6.01 1.32 -22.79
C ARG A 62 5.13 2.25 -23.62
N GLU A 63 4.13 2.86 -22.97
N GLU A 63 4.12 2.87 -22.98
CA GLU A 63 3.23 3.83 -23.60
CA GLU A 63 3.24 3.82 -23.62
C GLU A 63 3.84 5.21 -23.75
C GLU A 63 3.85 5.21 -23.75
N GLY A 64 5.00 5.44 -23.13
CA GLY A 64 5.65 6.75 -23.22
C GLY A 64 4.97 7.85 -22.44
N ASN A 65 4.21 7.50 -21.39
CA ASN A 65 3.42 8.47 -20.64
C ASN A 65 4.34 9.04 -19.57
N LYS A 66 5.10 10.07 -19.94
N LYS A 66 5.12 10.04 -19.96
CA LYS A 66 6.18 10.54 -19.07
CA LYS A 66 6.17 10.56 -19.08
C LYS A 66 5.65 11.03 -17.73
C LYS A 66 5.60 10.97 -17.73
N GLU A 67 4.54 11.78 -17.73
CA GLU A 67 4.03 12.26 -16.45
C GLU A 67 3.58 11.10 -15.58
N ALA A 68 2.89 10.12 -16.14
CA ALA A 68 2.45 9.01 -15.31
C ALA A 68 3.64 8.22 -14.78
N VAL A 69 4.69 8.06 -15.59
CA VAL A 69 5.89 7.36 -15.13
C VAL A 69 6.53 8.10 -13.96
N THR A 70 6.68 9.44 -14.07
CA THR A 70 7.21 10.23 -12.95
C THR A 70 6.42 9.98 -11.67
N LEU A 71 5.11 10.16 -11.72
CA LEU A 71 4.28 9.98 -10.54
C LEU A 71 4.35 8.56 -10.01
N MET A 72 4.35 7.56 -10.90
CA MET A 72 4.42 6.17 -10.46
C MET A 72 5.77 5.83 -9.84
N ASN A 73 6.86 6.41 -10.35
N ASN A 73 6.87 6.35 -10.40
CA ASN A 73 8.14 6.31 -9.65
CA ASN A 73 8.20 6.10 -9.83
C ASN A 73 8.05 6.90 -8.24
C ASN A 73 8.30 6.63 -8.40
N GLU A 74 7.51 8.10 -8.12
N GLU A 74 7.67 7.78 -8.13
CA GLU A 74 7.39 8.75 -6.80
CA GLU A 74 7.60 8.26 -6.75
C GLU A 74 6.54 7.92 -5.85
C GLU A 74 6.67 7.39 -5.92
N PHE A 75 5.39 7.45 -6.33
N PHE A 75 5.58 6.92 -6.51
CA PHE A 75 4.46 6.72 -5.48
CA PHE A 75 4.60 6.10 -5.79
C PHE A 75 5.02 5.35 -5.09
C PHE A 75 5.20 4.76 -5.35
N THR A 76 5.60 4.62 -6.06
N THR A 76 5.96 4.11 -6.24
CA THR A 76 6.18 3.31 -5.74
CA THR A 76 6.59 2.84 -5.88
C THR A 76 7.30 3.43 -4.71
C THR A 76 7.74 3.04 -4.93
N ALA A 77 8.10 4.50 -4.78
N ALA A 77 8.34 4.24 -4.88
CA ALA A 77 9.10 4.71 -3.75
CA ALA A 77 9.36 4.50 -3.88
C ALA A 77 8.46 4.81 -2.37
C ALA A 77 8.75 4.68 -2.50
N THR A 78 7.43 5.63 -2.24
N THR A 78 7.58 5.32 -2.42
CA THR A 78 6.71 5.74 -0.99
CA THR A 78 6.94 5.54 -1.13
C THR A 78 6.13 4.39 -0.56
C THR A 78 6.25 4.29 -0.61
N PHE A 79 5.55 3.64 -1.51
N PHE A 79 5.97 3.31 -1.49
CA PHE A 79 5.08 2.29 -1.19
CA PHE A 79 5.46 2.02 -1.03
C PHE A 79 6.14 1.50 -0.44
C PHE A 79 6.58 1.08 -0.59
N GLN A 80 7.38 1.51 -0.93
N GLN A 80 7.80 1.30 -1.05
CA GLN A 80 8.44 0.76 -0.25
CA GLN A 80 8.93 0.53 -0.55
C GLN A 80 8.70 1.31 1.16
C GLN A 80 9.26 0.92 0.88
N THR A 81 8.59 2.63 1.35
N THR A 81 9.05 2.18 1.25
CA THR A 81 8.69 3.17 2.71
CA THR A 81 9.18 2.59 2.64
C THR A 81 7.64 2.53 3.61
C THR A 81 8.11 1.91 3.50
N GLY A 82 6.40 2.51 3.14
N GLY A 82 6.84 1.96 3.04
CA GLY A 82 5.35 1.89 3.93
CA GLY A 82 5.78 1.29 3.77
C GLY A 82 5.58 0.40 4.13
C GLY A 82 6.07 -0.18 3.98
N LYS A 83 6.07 -0.28 3.09
N LYS A 83 6.59 -0.84 2.95
CA LYS A 83 6.33 -1.71 3.17
CA LYS A 83 6.96 -2.25 3.08
C LYS A 83 7.40 -2.01 4.22
C LYS A 83 8.03 -2.44 4.16
N SER A 84 8.51 -1.28 4.20
N SER A 84 9.00 -1.52 4.23
CA SER A 84 9.57 -1.52 5.17
CA SER A 84 10.01 -1.61 5.28
C SER A 84 9.07 -1.31 6.58
C SER A 84 9.38 -1.41 6.65
N ILE A 85 8.26 -0.28 6.81
N ILE A 85 8.47 -0.43 6.77
CA ILE A 85 7.71 -0.05 8.13
CA ILE A 85 7.86 -0.18 8.08
C ILE A 85 6.79 -1.20 8.52
C ILE A 85 6.96 -1.35 8.45
N PHE A 86 6.05 -1.74 7.54
CA PHE A 86 5.18 -2.88 7.79
C PHE A 86 6.00 -4.09 8.23
N ASN A 87 7.07 -4.37 7.52
CA ASN A 87 7.88 -5.52 7.87
C ASN A 87 8.49 -5.37 9.27
N ALA A 88 8.91 -4.17 9.64
CA ALA A 88 9.41 -3.95 11.00
C ALA A 88 8.29 -4.18 12.02
N MET A 89 7.07 -3.78 11.67
CA MET A 89 5.92 -4.01 12.54
C MET A 89 5.69 -5.50 12.76
N VAL A 90 5.72 -6.28 11.67
CA VAL A 90 5.56 -7.73 11.77
C VAL A 90 6.63 -8.33 12.69
N ALA A 91 7.87 -7.84 12.56
CA ALA A 91 8.96 -8.30 13.41
C ALA A 91 8.74 -7.93 14.87
N ALA A 92 8.27 -6.71 15.11
CA ALA A 92 7.92 -6.31 16.48
C ALA A 92 6.85 -7.22 17.05
N PHE A 93 5.88 -7.62 16.25
CA PHE A 93 4.86 -8.54 16.75
C PHE A 93 5.46 -9.90 17.10
N LYS A 94 6.27 -10.44 16.20
N LYS A 94 6.31 -10.42 16.23
CA LYS A 94 6.98 -11.68 16.49
CA LYS A 94 6.98 -11.69 16.47
C LYS A 94 7.74 -11.59 17.80
C LYS A 94 7.84 -11.63 17.74
N ASN A 95 8.46 -10.48 18.00
CA ASN A 95 9.35 -10.31 19.14
C ASN A 95 8.61 -9.97 20.44
N GLY A 96 7.30 -9.71 20.40
CA GLY A 96 6.59 -9.27 21.58
C GLY A 96 6.86 -7.84 21.99
N ASP A 97 7.32 -7.00 21.09
CA ASP A 97 7.69 -5.63 21.40
C ASP A 97 6.53 -4.70 21.06
N ASP A 98 5.60 -4.54 22.01
CA ASP A 98 4.40 -3.76 21.74
C ASP A 98 4.71 -2.28 21.58
N ASP A 99 5.74 -1.77 22.27
CA ASP A 99 6.14 -0.38 22.08
C ASP A 99 6.57 -0.13 20.63
N SER A 100 7.43 -0.99 20.08
CA SER A 100 7.81 -0.82 18.69
C SER A 100 6.63 -1.03 17.76
N PHE A 101 5.77 -2.00 18.06
CA PHE A 101 4.63 -2.25 17.19
C PHE A 101 3.74 -1.01 17.09
N GLU A 102 3.48 -0.35 18.22
CA GLU A 102 2.70 0.89 18.25
C GLU A 102 3.37 1.99 17.43
N SER A 103 4.68 2.18 17.60
CA SER A 103 5.43 3.18 16.84
C SER A 103 5.28 2.95 15.34
N TYR A 104 5.65 1.75 14.88
CA TYR A 104 5.57 1.42 13.47
C TYR A 104 4.14 1.56 12.95
N LEU A 105 3.15 1.18 13.74
CA LEU A 105 1.76 1.28 13.28
C LEU A 105 1.37 2.73 13.01
N GLN A 106 1.73 3.64 13.92
N GLN A 106 1.71 3.64 13.93
CA GLN A 106 1.45 5.06 13.71
CA GLN A 106 1.43 5.06 13.72
C GLN A 106 2.21 5.61 12.52
C GLN A 106 2.23 5.61 12.55
N ALA A 107 3.48 5.23 12.37
N ALA A 107 3.48 5.15 12.40
CA ALA A 107 4.27 5.70 11.23
CA ALA A 107 4.30 5.57 11.27
C ALA A 107 3.66 5.21 9.92
C ALA A 107 3.61 5.22 9.95
N LEU A 108 3.25 3.94 9.86
N LEU A 108 3.09 3.99 9.85
CA LEU A 108 2.67 3.42 8.63
CA LEU A 108 2.39 3.61 8.62
C LEU A 108 1.37 4.14 8.29
C LEU A 108 1.17 4.48 8.40
N GLU A 109 0.61 4.55 9.31
N GLU A 109 0.48 4.86 9.48
CA GLU A 109 -0.57 5.38 9.07
CA GLU A 109 -0.72 5.68 9.34
C GLU A 109 -0.20 6.71 8.43
C GLU A 109 -0.40 7.05 8.74
N LYS A 110 0.84 7.38 8.94
N LYS A 110 0.72 7.64 9.15
CA LYS A 110 1.19 8.70 8.41
CA LYS A 110 1.08 8.96 8.66
C LYS A 110 1.73 8.59 6.99
C LYS A 110 1.68 8.92 7.26
N VAL A 111 2.63 7.64 6.75
N VAL A 111 2.33 7.82 6.89
CA VAL A 111 3.16 7.43 5.40
CA VAL A 111 2.79 7.66 5.52
C VAL A 111 2.01 7.18 4.42
C VAL A 111 1.61 7.50 4.58
N THR A 112 1.02 6.42 4.85
N THR A 112 0.63 6.70 4.98
CA THR A 112 -0.13 6.14 3.99
CA THR A 112 -0.55 6.47 4.14
C THR A 112 -0.97 7.39 3.74
C THR A 112 -1.32 7.77 3.92
N ALA A 113 -1.17 8.20 4.79
N ALA A 113 -1.51 8.56 4.98
CA ALA A 113 -1.97 9.41 4.65
CA ALA A 113 -2.21 9.83 4.82
C ALA A 113 -1.30 10.42 3.73
C ALA A 113 -1.44 10.78 3.90
N LYS A 114 0.02 10.61 3.88
N LYS A 114 -0.11 10.81 4.03
CA LYS A 114 0.74 11.54 3.03
CA LYS A 114 0.70 11.67 3.17
C LYS A 114 0.61 11.15 1.57
C LYS A 114 0.61 11.25 1.70
N GLY A 115 0.72 9.86 1.26
N GLY A 115 0.44 9.96 1.44
CA GLY A 115 0.78 9.43 -0.12
CA GLY A 115 0.54 9.46 0.08
C GLY A 115 -0.53 9.46 -0.88
C GLY A 115 -0.73 9.50 -0.73
N GLU A 116 -1.57 10.05 -0.30
N GLU A 116 -1.84 9.97 -0.17
CA GLU A 116 -2.89 9.92 -0.91
CA GLU A 116 -3.10 9.84 -0.90
C GLU A 116 -3.14 10.94 -2.02
C GLU A 116 -3.27 10.92 -1.96
N THR A 117 -2.69 12.18 -1.86
N THR A 117 -2.63 12.08 -1.80
CA THR A 117 -2.88 13.12 -2.95
CA THR A 117 -2.70 13.08 -2.85
C THR A 117 -2.18 12.62 -4.22
C THR A 117 -2.03 12.56 -4.12
N LEU A 118 -1.00 12.01 -4.07
N LEU A 118 -0.87 11.93 -3.99
CA LEU A 118 -0.29 11.44 -5.19
CA LEU A 118 -0.19 11.36 -5.16
C LEU A 118 -1.06 10.27 -5.79
C LEU A 118 -0.98 10.20 -5.76
N ALA A 119 -1.59 9.38 -4.94
N ALA A 119 -1.57 9.35 -4.91
CA ALA A 119 -2.41 8.28 -5.45
CA ALA A 119 -2.39 8.26 -5.42
C ALA A 119 -3.55 8.81 -6.32
C ALA A 119 -3.52 8.79 -6.29
N ASP A 120 -4.20 9.88 -5.87
N ASP A 120 -4.16 9.88 -5.87
CA ASP A 120 -5.26 10.46 -6.70
CA ASP A 120 -5.25 10.43 -6.66
C ASP A 120 -4.68 11.03 -7.99
C ASP A 120 -4.74 11.17 -7.90
N GLN A 121 -3.52 11.69 -7.91
N GLN A 121 -3.50 11.68 -7.86
CA GLN A 121 -2.92 12.28 -9.11
CA GLN A 121 -2.92 12.26 -9.07
C GLN A 121 -2.61 11.23 -10.17
C GLN A 121 -2.73 11.20 -10.15
N ILE A 122 -2.28 10.01 -9.76
CA ILE A 122 -1.94 8.98 -10.72
C ILE A 122 -3.18 8.55 -11.48
N ALA A 123 -4.30 8.36 -10.78
CA ALA A 123 -5.52 7.97 -11.46
C ALA A 123 -5.83 8.93 -12.60
N LYS A 124 -5.67 10.23 -12.38
N LYS A 124 -5.66 10.23 -12.37
CA LYS A 124 -6.00 11.19 -13.41
CA LYS A 124 -5.99 11.24 -13.37
C LYS A 124 -4.98 11.17 -14.54
C LYS A 124 -4.93 11.35 -14.45
N ALA A 125 -3.75 10.79 -14.24
CA ALA A 125 -2.67 10.89 -15.20
C ALA A 125 -2.66 9.77 -16.23
N LEU A 126 -3.22 8.63 -15.92
CA LEU A 126 -2.99 7.45 -16.73
C LEU A 126 -3.82 7.43 -17.98
C9 6U6 B . -0.93 -2.22 4.03
C1 6U6 B . -2.72 1.59 6.15
C3 6U6 B . -1.16 -0.06 5.19
C2 6U6 B . -1.26 1.08 6.15
C5 6U6 B . -1.26 -1.28 1.83
C8 6U6 B . -0.77 -3.50 3.47
O1 6U6 B . -4.23 3.11 7.15
C7 6U6 B . -0.86 -3.68 2.07
C6 6U6 B . -1.12 -2.55 1.28
C4 6U6 B . -1.18 -1.07 3.22
CL 6U6 B . -1.26 -2.61 -0.43
N 6U6 B . -1.31 0.15 3.87
S 6U6 B . -0.86 -1.72 5.71
C 6U6 B . -3.06 2.67 7.18
O 6U6 B . -2.16 3.06 7.96
H1 6U6 B . -2.97 1.97 5.16
H2 6U6 B . -3.39 0.74 6.33
H3 6U6 B . -0.58 1.87 5.84
H4 6U6 B . -0.95 0.74 7.14
H5 6U6 B . -1.44 -0.45 1.18
H6 6U6 B . -0.59 -4.36 4.12
H8 6U6 B . -0.75 -4.67 1.64
#